data_2WQL
#
_entry.id   2WQL
#
_cell.length_a   189.948
_cell.length_b   189.948
_cell.length_c   189.948
_cell.angle_alpha   90.00
_cell.angle_beta   90.00
_cell.angle_gamma   90.00
#
_symmetry.space_group_name_H-M   'P 41 3 2'
#
loop_
_entity.id
_entity.type
_entity.pdbx_description
1 polymer 'MAJOR ALLERGEN DAU C 1'
2 non-polymer 'O-ACETALDEHYDYL-HEXAETHYLENE GLYCOL'
3 non-polymer DI(HYDROXYETHYL)ETHER
4 non-polymer 'CHLORIDE ION'
5 water water
#
_entity_poly.entity_id   1
_entity_poly.type   'polypeptide(L)'
_entity_poly.pdbx_seq_one_letter_code
;MGAQSHSLEITSSVSAEKIFSGIVLDVDTVIPKAATGAYKSVEVKGDGGAGTVRIITLPEGSPITTMTVRTDAVNKEALS
YDSTVIDGDILLGFIESIETHMVVVPTADGGSITKTTAIFHTKGDAVVPEENIKFADAQNTALFKAIEAYLIAN
;
_entity_poly.pdbx_strand_id   A,B,C,D
#
# COMPACT_ATOMS: atom_id res chain seq x y z
N ALA A 3 -0.57 11.89 7.58
CA ALA A 3 0.46 10.79 7.58
C ALA A 3 0.07 9.69 8.55
N GLN A 4 -0.02 8.46 8.04
CA GLN A 4 -0.53 7.32 8.80
C GLN A 4 0.29 7.14 10.06
N SER A 5 -0.37 6.88 11.19
CA SER A 5 0.33 6.71 12.44
C SER A 5 -0.29 5.63 13.34
N HIS A 6 0.46 5.22 14.35
CA HIS A 6 -0.02 4.17 15.26
C HIS A 6 0.68 4.28 16.58
N SER A 7 -0.01 3.95 17.66
CA SER A 7 0.66 3.93 18.92
C SER A 7 0.53 2.61 19.64
N LEU A 8 1.54 2.32 20.45
CA LEU A 8 1.63 1.10 21.24
C LEU A 8 2.02 1.47 22.67
N GLU A 9 1.29 0.94 23.64
CA GLU A 9 1.59 1.17 25.03
C GLU A 9 1.88 -0.16 25.68
N ILE A 10 2.97 -0.22 26.46
CA ILE A 10 3.29 -1.45 27.18
C ILE A 10 3.46 -1.13 28.66
N THR A 11 2.69 -1.82 29.49
CA THR A 11 2.75 -1.66 30.94
C THR A 11 3.77 -2.61 31.54
N SER A 12 4.43 -2.15 32.59
CA SER A 12 5.41 -2.95 33.32
C SER A 12 5.40 -2.61 34.80
N SER A 13 5.68 -3.60 35.64
CA SER A 13 5.83 -3.36 37.07
C SER A 13 7.21 -2.86 37.41
N VAL A 14 8.15 -2.94 36.47
CA VAL A 14 9.50 -2.41 36.65
C VAL A 14 9.47 -0.88 36.48
N SER A 15 10.35 -0.19 37.20
CA SER A 15 10.37 1.28 37.20
C SER A 15 10.79 1.85 35.85
N ALA A 16 10.41 3.10 35.63
CA ALA A 16 10.69 3.83 34.38
C ALA A 16 12.19 3.96 34.09
N GLU A 17 12.96 4.35 35.10
CA GLU A 17 14.42 4.46 34.97
C GLU A 17 15.03 3.14 34.52
N LYS A 18 14.61 2.06 35.15
CA LYS A 18 15.19 0.74 34.90
C LYS A 18 14.81 0.22 33.50
N ILE A 19 13.55 0.39 33.12
CA ILE A 19 13.09 -0.04 31.80
C ILE A 19 13.85 0.68 30.70
N PHE A 20 13.94 2.00 30.83
CA PHE A 20 14.66 2.81 29.88
C PHE A 20 16.12 2.39 29.74
N SER A 21 16.75 2.00 30.85
CA SER A 21 18.15 1.59 30.78
C SER A 21 18.25 0.28 30.01
N GLY A 22 17.25 -0.56 30.14
CA GLY A 22 17.29 -1.86 29.48
C GLY A 22 16.97 -1.78 28.00
N ILE A 23 15.95 -1.01 27.64
CA ILE A 23 15.48 -1.02 26.25
C ILE A 23 16.07 0.10 25.42
N VAL A 24 16.85 1.01 26.02
CA VAL A 24 17.59 2.03 25.26
C VAL A 24 19.08 2.06 25.60
N LEU A 25 19.42 2.47 26.83
CA LEU A 25 20.81 2.78 27.15
C LEU A 25 21.76 1.60 27.01
N ASP A 26 21.36 0.45 27.55
CA ASP A 26 22.20 -0.74 27.62
C ASP A 26 21.74 -1.84 26.67
N VAL A 27 20.88 -1.49 25.73
CA VAL A 27 20.30 -2.48 24.83
C VAL A 27 21.31 -3.40 24.12
N ASP A 28 22.45 -2.87 23.72
CA ASP A 28 23.42 -3.67 22.95
C ASP A 28 24.09 -4.80 23.76
N THR A 29 24.25 -4.63 25.06
CA THR A 29 24.75 -5.74 25.90
C THR A 29 23.61 -6.54 26.53
N VAL A 30 22.44 -5.92 26.69
CA VAL A 30 21.31 -6.60 27.30
C VAL A 30 20.65 -7.63 26.36
N ILE A 31 20.39 -7.25 25.12
CA ILE A 31 19.67 -8.15 24.20
C ILE A 31 20.34 -9.52 23.97
N PRO A 32 21.68 -9.57 23.80
CA PRO A 32 22.30 -10.89 23.69
C PRO A 32 22.15 -11.80 24.92
N LYS A 33 22.03 -11.21 26.12
CA LYS A 33 21.79 -11.99 27.33
C LYS A 33 20.29 -12.28 27.54
N ALA A 34 19.44 -11.36 27.12
CA ALA A 34 18.01 -11.45 27.38
C ALA A 34 17.22 -12.24 26.33
N ALA A 35 17.52 -12.01 25.06
CA ALA A 35 16.83 -12.61 23.92
C ALA A 35 17.87 -13.30 23.04
N THR A 36 18.38 -14.43 23.53
CA THR A 36 19.64 -14.95 23.03
C THR A 36 19.68 -15.18 21.50
N GLY A 37 18.57 -15.66 20.93
CA GLY A 37 18.54 -15.93 19.49
C GLY A 37 17.76 -14.93 18.63
N ALA A 38 17.14 -13.94 19.26
CA ALA A 38 16.29 -12.98 18.53
C ALA A 38 17.00 -12.40 17.30
N TYR A 39 18.24 -11.94 17.48
CA TYR A 39 19.02 -11.35 16.39
C TYR A 39 20.03 -12.33 15.83
N LYS A 40 20.20 -12.32 14.51
CA LYS A 40 21.31 -13.03 13.89
C LYS A 40 22.60 -12.23 14.04
N SER A 41 22.53 -10.92 13.82
CA SER A 41 23.69 -10.04 13.97
C SER A 41 23.24 -8.58 14.09
N VAL A 42 24.13 -7.75 14.67
CA VAL A 42 23.91 -6.30 14.79
C VAL A 42 25.22 -5.58 14.50
N GLU A 43 25.23 -4.70 13.49
CA GLU A 43 26.36 -3.79 13.30
C GLU A 43 25.95 -2.43 13.87
N VAL A 44 26.71 -1.93 14.83
CA VAL A 44 26.43 -0.65 15.48
C VAL A 44 27.47 0.37 15.04
N LYS A 45 27.03 1.46 14.41
CA LYS A 45 27.93 2.56 14.02
C LYS A 45 27.61 3.81 14.85
N GLY A 46 28.41 4.07 15.88
CA GLY A 46 28.16 5.17 16.81
C GLY A 46 28.06 4.73 18.27
N ASP A 47 27.90 5.71 19.15
CA ASP A 47 27.94 5.48 20.61
C ASP A 47 26.59 5.25 21.27
N GLY A 48 25.50 5.30 20.52
CA GLY A 48 24.17 5.14 21.09
C GLY A 48 23.38 6.42 21.12
N GLY A 49 24.07 7.56 20.99
CA GLY A 49 23.38 8.86 20.92
C GLY A 49 23.00 9.21 19.50
N ALA A 50 22.50 10.44 19.30
CA ALA A 50 21.98 10.88 18.02
C ALA A 50 23.00 10.60 16.93
N GLY A 51 22.51 10.12 15.79
CA GLY A 51 23.36 9.79 14.65
C GLY A 51 23.78 8.34 14.59
N THR A 52 23.59 7.62 15.69
CA THR A 52 23.92 6.20 15.74
C THR A 52 23.03 5.43 14.75
N VAL A 53 23.62 4.47 14.05
CA VAL A 53 22.90 3.69 13.05
C VAL A 53 23.17 2.20 13.34
N ARG A 54 22.12 1.42 13.46
CA ARG A 54 22.23 -0.02 13.67
C ARG A 54 21.71 -0.79 12.47
N ILE A 55 22.53 -1.68 11.92
CA ILE A 55 22.11 -2.59 10.87
C ILE A 55 21.79 -3.95 11.49
N ILE A 56 20.51 -4.30 11.55
CA ILE A 56 20.04 -5.50 12.23
C ILE A 56 19.61 -6.58 11.23
N THR A 57 19.99 -7.83 11.52
CA THR A 57 19.65 -8.97 10.68
C THR A 57 19.03 -10.07 11.53
N LEU A 58 17.84 -10.52 11.16
CA LEU A 58 17.15 -11.60 11.86
C LEU A 58 17.38 -12.92 11.11
N PRO A 59 17.07 -14.06 11.76
CA PRO A 59 17.34 -15.37 11.14
C PRO A 59 16.69 -15.61 9.77
N GLU A 60 17.25 -16.57 9.03
CA GLU A 60 16.96 -16.77 7.60
C GLU A 60 15.45 -16.79 7.23
N GLY A 61 14.66 -17.59 7.95
CA GLY A 61 13.24 -17.75 7.61
C GLY A 61 12.31 -16.58 7.95
N SER A 62 12.73 -15.70 8.86
CA SER A 62 11.84 -14.73 9.50
C SER A 62 11.03 -13.86 8.53
N PRO A 63 9.82 -13.43 8.93
CA PRO A 63 9.00 -12.59 8.05
C PRO A 63 9.68 -11.29 7.70
N ILE A 64 10.38 -10.68 8.66
CA ILE A 64 11.29 -9.55 8.44
C ILE A 64 12.72 -10.03 8.64
N THR A 65 13.56 -9.95 7.60
CA THR A 65 14.95 -10.42 7.71
C THR A 65 15.99 -9.32 8.00
N THR A 66 15.71 -8.08 7.59
CA THR A 66 16.69 -6.97 7.74
C THR A 66 16.02 -5.63 8.06
N MET A 67 16.61 -4.89 8.98
CA MET A 67 16.21 -3.50 9.24
C MET A 67 17.39 -2.63 9.69
N THR A 68 17.41 -1.40 9.20
CA THR A 68 18.42 -0.41 9.53
C THR A 68 17.73 0.70 10.27
N VAL A 69 18.19 0.99 11.50
CA VAL A 69 17.53 1.94 12.38
C VAL A 69 18.49 3.03 12.83
N ARG A 70 18.10 4.29 12.60
CA ARG A 70 18.89 5.45 13.00
C ARG A 70 18.33 6.01 14.29
N THR A 71 19.20 6.37 15.23
CA THR A 71 18.78 7.08 16.44
C THR A 71 18.79 8.58 16.14
N ASP A 72 17.64 9.23 16.30
CA ASP A 72 17.50 10.67 16.05
C ASP A 72 17.77 11.48 17.30
N ALA A 73 17.41 10.95 18.46
CA ALA A 73 17.54 11.70 19.74
C ALA A 73 17.43 10.75 20.94
N VAL A 74 18.21 11.05 21.97
CA VAL A 74 18.11 10.36 23.26
C VAL A 74 18.10 11.38 24.38
N ASN A 75 17.17 11.23 25.31
CA ASN A 75 17.12 12.10 26.47
C ASN A 75 17.09 11.22 27.70
N LYS A 76 18.25 11.08 28.32
CA LYS A 76 18.41 10.19 29.47
C LYS A 76 17.62 10.64 30.70
N GLU A 77 17.47 11.94 30.85
CA GLU A 77 16.79 12.51 32.00
C GLU A 77 15.28 12.41 31.86
N ALA A 78 14.78 12.60 30.64
CA ALA A 78 13.36 12.55 30.39
C ALA A 78 12.84 11.16 30.06
N LEU A 79 13.75 10.19 29.88
CA LEU A 79 13.43 8.83 29.45
C LEU A 79 12.65 8.82 28.11
N SER A 80 13.13 9.58 27.12
CA SER A 80 12.57 9.53 25.79
C SER A 80 13.62 9.12 24.77
N TYR A 81 13.15 8.51 23.68
CA TYR A 81 14.02 7.99 22.63
C TYR A 81 13.29 8.13 21.30
N ASP A 82 13.96 8.74 20.32
CA ASP A 82 13.42 8.92 18.98
C ASP A 82 14.33 8.22 17.99
N SER A 83 13.74 7.46 17.07
CA SER A 83 14.50 6.71 16.09
C SER A 83 13.70 6.44 14.83
N THR A 84 14.40 6.22 13.72
CA THR A 84 13.76 6.06 12.41
C THR A 84 14.25 4.83 11.69
N VAL A 85 13.33 4.02 11.19
CA VAL A 85 13.70 2.87 10.37
C VAL A 85 13.86 3.39 8.95
N ILE A 86 15.03 3.21 8.37
CA ILE A 86 15.36 3.84 7.09
C ILE A 86 15.64 2.87 5.94
N ASP A 87 15.84 1.60 6.24
CA ASP A 87 16.15 0.59 5.22
C ASP A 87 15.77 -0.77 5.72
N GLY A 88 15.67 -1.72 4.79
CA GLY A 88 15.43 -3.13 5.11
C GLY A 88 14.14 -3.64 4.52
N ASP A 89 13.97 -4.96 4.48
CA ASP A 89 12.71 -5.53 3.94
C ASP A 89 11.48 -5.27 4.86
N ILE A 90 11.74 -4.77 6.07
CA ILE A 90 10.70 -4.24 6.95
C ILE A 90 9.89 -3.11 6.28
N LEU A 91 10.52 -2.38 5.35
CA LEU A 91 9.83 -1.30 4.63
C LEU A 91 8.95 -1.83 3.50
N LEU A 92 8.86 -3.14 3.36
CA LEU A 92 8.09 -3.77 2.29
C LEU A 92 8.53 -3.11 0.98
N GLY A 93 7.65 -2.93 0.03
CA GLY A 93 8.12 -2.32 -1.22
C GLY A 93 8.12 -0.80 -1.24
N PHE A 94 7.48 -0.17 -0.27
CA PHE A 94 6.93 1.16 -0.49
C PHE A 94 6.96 2.15 0.66
N ILE A 95 7.36 1.71 1.86
CA ILE A 95 7.49 2.62 3.01
C ILE A 95 8.82 3.34 2.89
N GLU A 96 8.79 4.67 2.85
CA GLU A 96 10.03 5.44 2.75
C GLU A 96 10.80 5.40 4.07
N SER A 97 10.07 5.62 5.17
CA SER A 97 10.66 5.50 6.51
C SER A 97 9.60 5.33 7.60
N ILE A 98 10.00 4.71 8.72
CA ILE A 98 9.12 4.60 9.90
C ILE A 98 9.70 5.43 11.03
N GLU A 99 9.09 6.59 11.27
CA GLU A 99 9.57 7.54 12.28
C GLU A 99 8.93 7.15 13.61
N THR A 100 9.72 6.91 14.65
CA THR A 100 9.18 6.53 15.96
C THR A 100 9.60 7.45 17.11
N HIS A 101 8.72 7.61 18.08
CA HIS A 101 8.96 8.48 19.25
C HIS A 101 8.50 7.75 20.50
N MET A 102 9.42 7.51 21.42
CA MET A 102 9.11 6.71 22.59
C MET A 102 9.35 7.50 23.87
N VAL A 103 8.47 7.33 24.84
CA VAL A 103 8.68 7.91 26.15
C VAL A 103 8.27 6.88 27.21
N VAL A 104 9.06 6.76 28.27
CA VAL A 104 8.74 5.85 29.37
C VAL A 104 8.24 6.71 30.52
N VAL A 105 6.99 6.53 30.95
CA VAL A 105 6.46 7.37 32.01
C VAL A 105 6.19 6.55 33.28
N PRO A 106 6.50 7.10 34.46
CA PRO A 106 6.25 6.36 35.70
C PRO A 106 4.80 6.31 36.10
N THR A 107 4.47 5.31 36.91
CA THR A 107 3.11 5.09 37.39
C THR A 107 3.09 5.13 38.92
N ALA A 108 1.95 5.52 39.46
CA ALA A 108 1.75 5.61 40.92
C ALA A 108 2.21 4.36 41.71
N ASP A 109 2.09 3.18 41.12
CA ASP A 109 2.49 1.94 41.80
C ASP A 109 4.00 1.67 41.78
N GLY A 110 4.80 2.57 41.20
CA GLY A 110 6.25 2.35 41.09
C GLY A 110 6.65 1.63 39.83
N GLY A 111 5.68 1.31 38.97
CA GLY A 111 5.95 0.73 37.66
C GLY A 111 6.01 1.80 36.59
N SER A 112 5.73 1.41 35.35
CA SER A 112 5.85 2.31 34.21
C SER A 112 4.96 1.94 33.02
N ILE A 113 4.74 2.90 32.14
CA ILE A 113 4.11 2.68 30.84
C ILE A 113 5.07 3.20 29.78
N THR A 114 5.40 2.36 28.81
CA THR A 114 6.27 2.76 27.71
C THR A 114 5.35 3.07 26.52
N LYS A 115 5.31 4.35 26.12
CA LYS A 115 4.43 4.81 25.06
C LYS A 115 5.21 5.09 23.79
N THR A 116 4.88 4.40 22.69
CA THR A 116 5.55 4.61 21.40
C THR A 116 4.56 5.05 20.35
N THR A 117 4.95 6.05 19.58
CA THR A 117 4.18 6.51 18.43
C THR A 117 5.03 6.27 17.19
N ALA A 118 4.45 5.59 16.22
CA ALA A 118 5.09 5.32 14.95
C ALA A 118 4.36 6.10 13.85
N ILE A 119 5.12 6.77 12.98
CA ILE A 119 4.57 7.49 11.86
C ILE A 119 5.16 6.91 10.58
N PHE A 120 4.29 6.42 9.69
CA PHE A 120 4.70 5.77 8.47
C PHE A 120 4.67 6.74 7.28
N HIS A 121 5.85 7.02 6.73
CA HIS A 121 5.96 7.84 5.54
C HIS A 121 6.01 6.96 4.30
N THR A 122 4.98 7.08 3.45
CA THR A 122 4.85 6.24 2.27
C THR A 122 4.81 7.08 0.98
N LYS A 123 5.16 6.45 -0.15
CA LYS A 123 5.04 7.09 -1.45
C LYS A 123 3.57 7.16 -1.86
N GLY A 124 3.09 8.35 -2.17
CA GLY A 124 1.70 8.56 -2.60
C GLY A 124 0.69 8.31 -1.49
N ASP A 125 -0.44 7.71 -1.85
CA ASP A 125 -1.50 7.38 -0.86
C ASP A 125 -1.39 5.97 -0.29
N ALA A 126 -0.24 5.33 -0.44
CA ALA A 126 -0.09 3.94 -0.04
C ALA A 126 -0.29 3.77 1.47
N VAL A 127 -1.12 2.82 1.85
CA VAL A 127 -1.41 2.55 3.25
C VAL A 127 -0.71 1.28 3.74
N VAL A 128 -0.12 1.35 4.92
CA VAL A 128 0.46 0.17 5.58
C VAL A 128 -0.66 -0.67 6.21
N PRO A 129 -0.81 -1.94 5.79
CA PRO A 129 -1.93 -2.75 6.28
C PRO A 129 -1.89 -3.05 7.78
N GLU A 130 -3.08 -3.21 8.36
CA GLU A 130 -3.22 -3.46 9.79
C GLU A 130 -2.45 -4.73 10.23
N GLU A 131 -2.40 -5.76 9.38
CA GLU A 131 -1.70 -7.01 9.77
C GLU A 131 -0.20 -6.76 10.02
N ASN A 132 0.42 -5.90 9.24
CA ASN A 132 1.86 -5.63 9.43
C ASN A 132 2.13 -4.83 10.69
N ILE A 133 1.19 -3.94 11.04
CA ILE A 133 1.31 -3.14 12.25
C ILE A 133 1.14 -4.02 13.50
N LYS A 134 0.15 -4.91 13.47
CA LYS A 134 -0.05 -5.85 14.56
C LYS A 134 1.16 -6.77 14.76
N PHE A 135 1.77 -7.19 13.65
CA PHE A 135 2.96 -8.02 13.71
C PHE A 135 4.08 -7.32 14.45
N ALA A 136 4.33 -6.07 14.06
CA ALA A 136 5.35 -5.25 14.69
C ALA A 136 5.09 -5.10 16.18
N ASP A 137 3.84 -4.84 16.55
CA ASP A 137 3.46 -4.71 17.96
C ASP A 137 3.73 -5.97 18.79
N ALA A 138 3.40 -7.12 18.22
CA ALA A 138 3.62 -8.39 18.88
C ALA A 138 5.10 -8.61 19.10
N GLN A 139 5.90 -8.33 18.09
CA GLN A 139 7.31 -8.64 18.13
C GLN A 139 8.05 -7.67 19.06
N ASN A 140 7.65 -6.40 19.05
CA ASN A 140 8.25 -5.41 19.92
C ASN A 140 7.90 -5.68 21.38
N THR A 141 6.69 -6.15 21.61
CA THR A 141 6.25 -6.51 22.94
C THR A 141 7.04 -7.73 23.42
N ALA A 142 7.19 -8.72 22.56
CA ALA A 142 7.98 -9.92 22.87
C ALA A 142 9.38 -9.56 23.34
N LEU A 143 10.03 -8.66 22.62
CA LEU A 143 11.38 -8.26 22.95
C LEU A 143 11.39 -7.42 24.22
N PHE A 144 10.44 -6.50 24.35
CA PHE A 144 10.29 -5.70 25.57
C PHE A 144 10.24 -6.61 26.81
N LYS A 145 9.37 -7.62 26.74
CA LYS A 145 9.12 -8.48 27.88
C LYS A 145 10.28 -9.43 28.18
N ALA A 146 11.02 -9.82 27.15
CA ALA A 146 12.21 -10.62 27.37
C ALA A 146 13.22 -9.78 28.17
N ILE A 147 13.31 -8.49 27.83
CA ILE A 147 14.19 -7.55 28.53
C ILE A 147 13.70 -7.29 29.96
N GLU A 148 12.39 -7.10 30.12
CA GLU A 148 11.79 -6.97 31.46
C GLU A 148 12.19 -8.16 32.35
N ALA A 149 12.14 -9.36 31.80
CA ALA A 149 12.52 -10.56 32.54
C ALA A 149 13.97 -10.50 33.00
N TYR A 150 14.85 -10.05 32.11
CA TYR A 150 16.28 -9.96 32.45
C TYR A 150 16.52 -8.90 33.56
N LEU A 151 15.82 -7.77 33.48
CA LEU A 151 15.89 -6.71 34.48
C LEU A 151 15.38 -7.15 35.86
N ILE A 152 14.30 -7.92 35.89
CA ILE A 152 13.76 -8.39 37.15
C ILE A 152 14.75 -9.34 37.86
N ALA A 153 15.53 -10.07 37.06
CA ALA A 153 16.48 -11.06 37.57
C ALA A 153 17.88 -10.49 37.87
N ASN A 154 18.23 -9.35 37.27
CA ASN A 154 19.57 -8.74 37.42
C ASN A 154 19.49 -7.26 37.81
N ALA B 3 -2.85 -22.59 50.03
CA ALA B 3 -1.78 -22.83 49.01
C ALA B 3 -1.55 -21.61 48.10
N GLN B 4 -0.32 -21.11 48.10
CA GLN B 4 0.01 -19.85 47.40
C GLN B 4 -0.35 -19.97 45.93
N SER B 5 -0.98 -18.92 45.37
CA SER B 5 -1.39 -18.92 43.97
C SER B 5 -1.24 -17.57 43.30
N HIS B 6 -1.29 -17.58 41.98
CA HIS B 6 -1.09 -16.36 41.20
C HIS B 6 -1.78 -16.50 39.85
N SER B 7 -2.31 -15.42 39.32
CA SER B 7 -2.86 -15.49 37.99
C SER B 7 -2.31 -14.44 37.04
N LEU B 8 -2.26 -14.81 35.76
CA LEU B 8 -1.72 -13.99 34.69
C LEU B 8 -2.75 -13.94 33.57
N GLU B 9 -3.10 -12.74 33.12
CA GLU B 9 -4.01 -12.53 32.00
C GLU B 9 -3.27 -11.84 30.85
N ILE B 10 -3.29 -12.42 29.65
CA ILE B 10 -2.67 -11.81 28.50
C ILE B 10 -3.72 -11.60 27.43
N THR B 11 -3.85 -10.36 27.00
CA THR B 11 -4.78 -9.97 25.93
C THR B 11 -4.15 -10.09 24.55
N SER B 12 -4.95 -10.46 23.57
CA SER B 12 -4.49 -10.53 22.20
C SER B 12 -5.61 -10.17 21.25
N SER B 13 -5.25 -9.59 20.11
CA SER B 13 -6.22 -9.32 19.04
C SER B 13 -6.49 -10.57 18.19
N VAL B 14 -5.65 -11.60 18.34
CA VAL B 14 -5.84 -12.86 17.61
C VAL B 14 -6.93 -13.68 18.28
N SER B 15 -7.67 -14.47 17.51
CA SER B 15 -8.81 -15.21 18.02
C SER B 15 -8.38 -16.31 18.98
N ALA B 16 -9.32 -16.73 19.83
CA ALA B 16 -9.10 -17.74 20.84
C ALA B 16 -8.70 -19.08 20.22
N GLU B 17 -9.42 -19.51 19.19
CA GLU B 17 -9.07 -20.77 18.50
C GLU B 17 -7.62 -20.76 18.03
N LYS B 18 -7.23 -19.66 17.40
CA LYS B 18 -5.92 -19.55 16.77
C LYS B 18 -4.78 -19.46 17.81
N ILE B 19 -5.01 -18.71 18.89
CA ILE B 19 -4.02 -18.60 19.96
C ILE B 19 -3.78 -19.96 20.60
N PHE B 20 -4.88 -20.65 20.92
CA PHE B 20 -4.81 -21.96 21.52
C PHE B 20 -4.04 -22.94 20.63
N SER B 21 -4.24 -22.84 19.33
CA SER B 21 -3.54 -23.75 18.44
C SER B 21 -2.04 -23.45 18.48
N GLY B 22 -1.69 -22.19 18.64
CA GLY B 22 -0.29 -21.79 18.64
C GLY B 22 0.44 -22.11 19.93
N ILE B 23 -0.20 -21.84 21.06
CA ILE B 23 0.46 -21.97 22.36
C ILE B 23 0.20 -23.34 23.03
N VAL B 24 -0.68 -24.16 22.46
CA VAL B 24 -0.88 -25.52 23.00
C VAL B 24 -0.75 -26.61 21.92
N LEU B 25 -1.65 -26.64 20.95
CA LEU B 25 -1.74 -27.77 20.04
C LEU B 25 -0.51 -27.95 19.18
N ASP B 26 -0.02 -26.85 18.60
CA ASP B 26 1.08 -26.90 17.62
C ASP B 26 2.38 -26.35 18.19
N VAL B 27 2.42 -26.16 19.51
CA VAL B 27 3.56 -25.53 20.17
C VAL B 27 4.93 -26.13 19.76
N ASP B 28 5.03 -27.45 19.59
CA ASP B 28 6.33 -28.07 19.31
C ASP B 28 6.93 -27.72 17.94
N THR B 29 6.11 -27.46 16.94
CA THR B 29 6.61 -27.01 15.64
C THR B 29 6.60 -25.48 15.53
N VAL B 30 5.72 -24.82 16.29
CA VAL B 30 5.65 -23.36 16.23
C VAL B 30 6.84 -22.67 16.93
N ILE B 31 7.20 -23.11 18.13
CA ILE B 31 8.24 -22.44 18.90
C ILE B 31 9.61 -22.34 18.18
N PRO B 32 10.05 -23.42 17.52
CA PRO B 32 11.31 -23.29 16.79
C PRO B 32 11.30 -22.28 15.64
N LYS B 33 10.14 -22.05 15.04
CA LYS B 33 9.99 -21.04 13.99
C LYS B 33 9.74 -19.64 14.59
N ALA B 34 9.04 -19.59 15.72
CA ALA B 34 8.60 -18.33 16.33
C ALA B 34 9.63 -17.69 17.27
N ALA B 35 10.24 -18.52 18.11
CA ALA B 35 11.21 -18.05 19.12
C ALA B 35 12.49 -18.86 18.94
N THR B 36 13.21 -18.54 17.87
CA THR B 36 14.22 -19.44 17.34
C THR B 36 15.27 -19.89 18.38
N GLY B 37 15.73 -18.97 19.21
CA GLY B 37 16.75 -19.31 20.22
C GLY B 37 16.25 -19.55 21.65
N ALA B 38 14.97 -19.33 21.89
CA ALA B 38 14.44 -19.39 23.27
C ALA B 38 14.85 -20.68 23.98
N TYR B 39 14.67 -21.82 23.30
CA TYR B 39 15.03 -23.11 23.89
C TYR B 39 16.36 -23.61 23.37
N LYS B 40 17.15 -24.24 24.25
CA LYS B 40 18.35 -24.97 23.83
C LYS B 40 17.96 -26.34 23.27
N SER B 41 17.03 -27.02 23.95
CA SER B 41 16.52 -28.32 23.51
C SER B 41 15.19 -28.68 24.18
N VAL B 42 14.43 -29.57 23.56
CA VAL B 42 13.16 -30.06 24.12
C VAL B 42 13.04 -31.54 23.84
N GLU B 43 12.96 -32.37 24.89
CA GLU B 43 12.61 -33.79 24.73
C GLU B 43 11.12 -33.88 25.00
N VAL B 44 10.37 -34.42 24.04
CA VAL B 44 8.92 -34.61 24.20
C VAL B 44 8.61 -36.10 24.30
N LYS B 45 8.03 -36.53 25.41
CA LYS B 45 7.62 -37.93 25.59
C LYS B 45 6.09 -37.95 25.62
N GLY B 46 5.50 -38.32 24.49
CA GLY B 46 4.04 -38.34 24.36
C GLY B 46 3.52 -37.50 23.21
N ASP B 47 2.20 -37.56 23.00
CA ASP B 47 1.55 -37.01 21.80
C ASP B 47 1.01 -35.61 21.97
N GLY B 48 1.14 -35.04 23.16
CA GLY B 48 0.62 -33.70 23.44
C GLY B 48 -0.63 -33.68 24.31
N GLY B 49 -1.27 -34.84 24.47
CA GLY B 49 -2.40 -34.96 25.39
C GLY B 49 -1.94 -35.27 26.80
N ALA B 50 -2.90 -35.61 27.67
CA ALA B 50 -2.62 -35.91 29.07
C ALA B 50 -1.55 -36.98 29.18
N GLY B 51 -0.63 -36.80 30.14
CA GLY B 51 0.47 -37.75 30.36
C GLY B 51 1.76 -37.40 29.65
N THR B 52 1.65 -36.47 28.71
CA THR B 52 2.80 -36.00 27.96
C THR B 52 3.74 -35.29 28.90
N VAL B 53 5.04 -35.51 28.74
CA VAL B 53 6.04 -34.92 29.60
C VAL B 53 7.08 -34.29 28.70
N ARG B 54 7.39 -33.02 28.93
CA ARG B 54 8.44 -32.31 28.17
C ARG B 54 9.61 -31.93 29.06
N ILE B 55 10.81 -32.32 28.66
CA ILE B 55 12.04 -31.91 29.36
C ILE B 55 12.66 -30.75 28.58
N ILE B 56 12.57 -29.56 29.15
CA ILE B 56 13.06 -28.35 28.47
C ILE B 56 14.37 -27.83 29.08
N THR B 57 15.27 -27.37 28.21
CA THR B 57 16.58 -26.85 28.62
C THR B 57 16.80 -25.50 27.95
N LEU B 58 17.08 -24.48 28.75
CA LEU B 58 17.36 -23.14 28.23
C LEU B 58 18.87 -22.96 28.15
N PRO B 59 19.35 -21.91 27.42
CA PRO B 59 20.80 -21.66 27.24
C PRO B 59 21.61 -21.52 28.54
N GLU B 60 22.93 -21.74 28.41
CA GLU B 60 23.84 -21.92 29.58
C GLU B 60 23.71 -20.86 30.69
N GLY B 61 23.70 -19.57 30.33
CA GLY B 61 23.66 -18.49 31.32
C GLY B 61 22.33 -18.18 31.99
N SER B 62 21.24 -18.66 31.41
CA SER B 62 19.89 -18.23 31.82
C SER B 62 19.58 -18.40 33.32
N PRO B 63 18.74 -17.51 33.89
CA PRO B 63 18.38 -17.60 35.32
C PRO B 63 17.72 -18.94 35.67
N ILE B 64 16.86 -19.43 34.78
CA ILE B 64 16.32 -20.80 34.83
C ILE B 64 16.91 -21.60 33.66
N THR B 65 17.61 -22.68 33.97
CA THR B 65 18.26 -23.50 32.92
C THR B 65 17.45 -24.76 32.52
N THR B 66 16.67 -25.33 33.45
CA THR B 66 15.94 -26.59 33.18
C THR B 66 14.56 -26.60 33.81
N MET B 67 13.58 -27.11 33.07
CA MET B 67 12.27 -27.41 33.62
C MET B 67 11.63 -28.61 32.94
N THR B 68 10.95 -29.43 33.74
CA THR B 68 10.22 -30.60 33.27
C THR B 68 8.73 -30.36 33.49
N VAL B 69 7.93 -30.44 32.42
CA VAL B 69 6.51 -30.07 32.49
C VAL B 69 5.62 -31.22 32.04
N ARG B 70 4.66 -31.60 32.89
CA ARG B 70 3.72 -32.68 32.59
C ARG B 70 2.35 -32.14 32.20
N THR B 71 1.80 -32.61 31.09
CA THR B 71 0.45 -32.20 30.70
C THR B 71 -0.54 -33.02 31.51
N ASP B 72 -1.42 -32.36 32.24
CA ASP B 72 -2.43 -33.06 33.03
C ASP B 72 -3.75 -33.21 32.29
N ALA B 73 -4.08 -32.27 31.40
CA ALA B 73 -5.38 -32.28 30.70
C ALA B 73 -5.40 -31.30 29.54
N VAL B 74 -6.01 -31.71 28.41
CA VAL B 74 -6.21 -30.81 27.26
C VAL B 74 -7.66 -30.92 26.87
N ASN B 75 -8.27 -29.79 26.58
CA ASN B 75 -9.61 -29.80 26.01
C ASN B 75 -9.67 -28.89 24.80
N LYS B 76 -9.60 -29.50 23.62
CA LYS B 76 -9.53 -28.78 22.34
C LYS B 76 -10.81 -27.98 22.04
N GLU B 77 -11.95 -28.48 22.49
CA GLU B 77 -13.22 -27.80 22.27
C GLU B 77 -13.38 -26.56 23.18
N ALA B 78 -12.93 -26.67 24.43
CA ALA B 78 -13.05 -25.59 25.43
C ALA B 78 -11.85 -24.66 25.50
N LEU B 79 -10.81 -24.95 24.73
CA LEU B 79 -9.59 -24.16 24.74
C LEU B 79 -8.98 -24.06 26.14
N SER B 80 -8.93 -25.17 26.85
CA SER B 80 -8.28 -25.20 28.17
C SER B 80 -7.14 -26.19 28.20
N TYR B 81 -6.14 -25.88 29.03
CA TYR B 81 -4.91 -26.69 29.13
C TYR B 81 -4.44 -26.66 30.59
N ASP B 82 -4.20 -27.84 31.15
CA ASP B 82 -3.71 -27.97 32.51
C ASP B 82 -2.39 -28.70 32.50
N SER B 83 -1.40 -28.15 33.21
CA SER B 83 -0.06 -28.75 33.24
C SER B 83 0.65 -28.46 34.55
N THR B 84 1.63 -29.30 34.89
CA THR B 84 2.35 -29.15 36.13
C THR B 84 3.84 -29.18 35.90
N VAL B 85 4.56 -28.23 36.51
CA VAL B 85 6.02 -28.24 36.49
C VAL B 85 6.48 -29.14 37.63
N ILE B 86 7.21 -30.20 37.32
CA ILE B 86 7.53 -31.24 38.32
C ILE B 86 9.01 -31.44 38.62
N ASP B 87 9.89 -30.80 37.86
CA ASP B 87 11.34 -30.91 38.09
C ASP B 87 12.06 -29.74 37.43
N GLY B 88 13.31 -29.52 37.84
CA GLY B 88 14.18 -28.50 37.24
C GLY B 88 14.60 -27.44 38.22
N ASP B 89 15.60 -26.63 37.88
CA ASP B 89 16.04 -25.56 38.78
C ASP B 89 15.01 -24.40 38.89
N ILE B 90 13.99 -24.44 38.02
CA ILE B 90 12.83 -23.57 38.16
C ILE B 90 12.15 -23.74 39.51
N LEU B 91 12.25 -24.92 40.10
CA LEU B 91 11.66 -25.18 41.42
C LEU B 91 12.47 -24.59 42.56
N LEU B 92 13.59 -23.93 42.24
CA LEU B 92 14.51 -23.41 43.25
C LEU B 92 14.85 -24.56 44.20
N GLY B 93 15.04 -24.31 45.47
CA GLY B 93 15.39 -25.40 46.37
C GLY B 93 14.20 -26.15 46.95
N PHE B 94 12.99 -25.61 46.80
CA PHE B 94 11.93 -25.91 47.75
C PHE B 94 10.50 -26.02 47.23
N ILE B 95 10.27 -25.70 45.95
CA ILE B 95 8.95 -25.86 45.38
C ILE B 95 8.78 -27.32 44.98
N GLU B 96 7.76 -27.98 45.51
CA GLU B 96 7.49 -29.38 45.15
C GLU B 96 6.95 -29.47 43.73
N SER B 97 5.98 -28.64 43.41
CA SER B 97 5.43 -28.57 42.05
C SER B 97 4.67 -27.26 41.78
N ILE B 98 4.62 -26.84 40.52
CA ILE B 98 3.81 -25.68 40.11
C ILE B 98 2.64 -26.14 39.24
N GLU B 99 1.47 -26.19 39.84
CA GLU B 99 0.26 -26.66 39.16
C GLU B 99 -0.33 -25.49 38.39
N THR B 100 -0.57 -25.62 37.10
CA THR B 100 -1.11 -24.52 36.31
C THR B 100 -2.36 -24.93 35.55
N HIS B 101 -3.27 -23.98 35.37
CA HIS B 101 -4.54 -24.18 34.67
C HIS B 101 -4.76 -22.97 33.78
N MET B 102 -4.89 -23.21 32.48
CA MET B 102 -5.04 -22.17 31.50
C MET B 102 -6.31 -22.30 30.71
N VAL B 103 -6.94 -21.18 30.41
CA VAL B 103 -8.09 -21.17 29.52
C VAL B 103 -7.93 -19.98 28.57
N VAL B 104 -8.33 -20.13 27.31
CA VAL B 104 -8.30 -19.02 26.35
C VAL B 104 -9.74 -18.63 26.05
N VAL B 105 -10.15 -17.42 26.43
CA VAL B 105 -11.55 -17.04 26.25
C VAL B 105 -11.68 -15.98 25.14
N PRO B 106 -12.72 -16.09 24.30
CA PRO B 106 -12.93 -15.05 23.29
C PRO B 106 -13.49 -13.74 23.83
N THR B 107 -13.26 -12.67 23.07
CA THR B 107 -13.68 -11.32 23.40
C THR B 107 -14.57 -10.80 22.30
N ALA B 108 -15.47 -9.88 22.64
CA ALA B 108 -16.42 -9.31 21.69
C ALA B 108 -15.76 -8.80 20.41
N ASP B 109 -14.54 -8.28 20.50
CA ASP B 109 -13.85 -7.70 19.34
C ASP B 109 -13.24 -8.75 18.39
N GLY B 110 -13.42 -10.02 18.68
CA GLY B 110 -12.86 -11.09 17.87
C GLY B 110 -11.49 -11.54 18.33
N GLY B 111 -10.98 -10.90 19.39
CA GLY B 111 -9.71 -11.30 19.99
C GLY B 111 -9.92 -12.28 21.14
N SER B 112 -8.98 -12.28 22.08
CA SER B 112 -9.01 -13.24 23.18
C SER B 112 -8.24 -12.80 24.43
N ILE B 113 -8.57 -13.41 25.56
CA ILE B 113 -7.81 -13.25 26.80
C ILE B 113 -7.36 -14.64 27.23
N THR B 114 -6.07 -14.80 27.47
CA THR B 114 -5.54 -16.07 27.92
C THR B 114 -5.28 -15.94 29.41
N LYS B 115 -6.08 -16.64 30.21
CA LYS B 115 -5.89 -16.60 31.66
C LYS B 115 -5.18 -17.84 32.11
N THR B 116 -4.21 -17.66 32.99
CA THR B 116 -3.51 -18.77 33.62
C THR B 116 -3.46 -18.59 35.13
N THR B 117 -3.83 -19.65 35.85
CA THR B 117 -3.73 -19.68 37.29
C THR B 117 -2.64 -20.68 37.66
N ALA B 118 -1.69 -20.24 38.48
CA ALA B 118 -0.58 -21.08 38.93
C ALA B 118 -0.75 -21.28 40.42
N ILE B 119 -0.56 -22.52 40.88
CA ILE B 119 -0.64 -22.86 42.31
C ILE B 119 0.68 -23.50 42.73
N PHE B 120 1.37 -22.87 43.69
CA PHE B 120 2.70 -23.30 44.10
C PHE B 120 2.65 -24.18 45.34
N HIS B 121 2.99 -25.44 45.18
CA HIS B 121 3.05 -26.40 46.28
C HIS B 121 4.45 -26.43 46.84
N THR B 122 4.60 -26.00 48.10
CA THR B 122 5.90 -25.90 48.73
C THR B 122 5.98 -26.74 50.01
N LYS B 123 7.20 -27.08 50.42
CA LYS B 123 7.42 -27.76 51.69
C LYS B 123 7.25 -26.79 52.85
N GLY B 124 6.38 -27.14 53.80
CA GLY B 124 6.11 -26.31 55.00
C GLY B 124 5.44 -24.99 54.64
N ASP B 125 5.82 -23.93 55.35
CA ASP B 125 5.26 -22.59 55.11
C ASP B 125 6.07 -21.74 54.12
N ALA B 126 6.93 -22.39 53.32
CA ALA B 126 7.83 -21.65 52.44
C ALA B 126 7.04 -20.87 51.36
N VAL B 127 7.37 -19.60 51.21
CA VAL B 127 6.69 -18.73 50.26
C VAL B 127 7.59 -18.46 49.06
N VAL B 128 6.99 -18.50 47.87
CA VAL B 128 7.67 -18.16 46.62
C VAL B 128 7.69 -16.63 46.49
N PRO B 129 8.90 -16.03 46.41
CA PRO B 129 8.99 -14.58 46.40
C PRO B 129 8.38 -13.93 45.17
N GLU B 130 7.88 -12.71 45.35
CA GLU B 130 7.23 -11.95 44.28
C GLU B 130 8.16 -11.74 43.04
N GLU B 131 9.46 -11.55 43.26
CA GLU B 131 10.39 -11.34 42.14
C GLU B 131 10.40 -12.56 41.19
N ASN B 132 10.32 -13.77 41.73
CA ASN B 132 10.35 -14.98 40.90
C ASN B 132 9.08 -15.14 40.09
N ILE B 133 7.96 -14.73 40.67
CA ILE B 133 6.68 -14.80 39.99
C ILE B 133 6.60 -13.75 38.86
N LYS B 134 7.08 -12.54 39.12
CA LYS B 134 7.16 -11.52 38.09
C LYS B 134 8.05 -11.95 36.93
N PHE B 135 9.18 -12.59 37.24
CA PHE B 135 10.08 -13.09 36.22
C PHE B 135 9.36 -14.06 35.30
N ALA B 136 8.68 -15.05 35.89
CA ALA B 136 7.92 -16.04 35.12
C ALA B 136 6.89 -15.34 34.21
N ASP B 137 6.17 -14.37 34.75
CA ASP B 137 5.17 -13.65 33.98
C ASP B 137 5.76 -12.93 32.77
N ALA B 138 6.91 -12.29 32.97
CA ALA B 138 7.57 -11.59 31.89
C ALA B 138 7.97 -12.58 30.80
N GLN B 139 8.54 -13.70 31.20
CA GLN B 139 9.10 -14.63 30.26
C GLN B 139 8.01 -15.39 29.49
N ASN B 140 6.93 -15.74 30.19
CA ASN B 140 5.76 -16.38 29.56
C ASN B 140 5.06 -15.43 28.60
N THR B 141 5.00 -14.15 28.96
CA THR B 141 4.41 -13.14 28.09
C THR B 141 5.29 -12.92 26.85
N ALA B 142 6.60 -12.89 27.05
CA ALA B 142 7.56 -12.79 25.95
C ALA B 142 7.35 -13.90 24.93
N LEU B 143 7.25 -15.13 25.42
CA LEU B 143 7.04 -16.29 24.55
C LEU B 143 5.65 -16.25 23.87
N PHE B 144 4.63 -15.92 24.64
CA PHE B 144 3.28 -15.77 24.10
C PHE B 144 3.31 -14.83 22.91
N LYS B 145 3.92 -13.67 23.10
CA LYS B 145 3.87 -12.62 22.08
C LYS B 145 4.70 -12.94 20.86
N ALA B 146 5.78 -13.70 21.05
CA ALA B 146 6.57 -14.18 19.93
C ALA B 146 5.70 -15.08 19.06
N ILE B 147 4.92 -15.94 19.73
CA ILE B 147 3.98 -16.85 19.05
C ILE B 147 2.81 -16.10 18.39
N GLU B 148 2.28 -15.11 19.08
CA GLU B 148 1.27 -14.21 18.48
C GLU B 148 1.78 -13.63 17.17
N ALA B 149 3.02 -13.15 17.16
CA ALA B 149 3.63 -12.59 15.96
C ALA B 149 3.68 -13.61 14.82
N TYR B 150 4.06 -14.84 15.13
CA TYR B 150 4.13 -15.89 14.12
C TYR B 150 2.74 -16.20 13.53
N LEU B 151 1.72 -16.24 14.39
CA LEU B 151 0.34 -16.49 13.99
C LEU B 151 -0.23 -15.38 13.09
N ILE B 152 0.09 -14.13 13.40
CA ILE B 152 -0.38 -13.00 12.61
C ILE B 152 0.20 -13.04 11.19
N ALA B 153 1.41 -13.58 11.07
CA ALA B 153 2.13 -13.64 9.78
C ALA B 153 1.90 -14.93 8.98
N ASN B 154 1.40 -16.00 9.62
CA ASN B 154 1.14 -17.30 8.98
C ASN B 154 -0.26 -17.84 9.27
N ALA C 3 -8.30 -10.87 -4.61
CA ALA C 3 -7.31 -10.03 -5.40
C ALA C 3 -7.92 -8.75 -5.94
N GLN C 4 -7.34 -7.61 -5.58
CA GLN C 4 -7.91 -6.31 -5.90
C GLN C 4 -8.12 -6.19 -7.42
N SER C 5 -9.28 -5.66 -7.81
CA SER C 5 -9.57 -5.51 -9.23
C SER C 5 -10.33 -4.22 -9.57
N HIS C 6 -10.32 -3.85 -10.84
CA HIS C 6 -10.96 -2.62 -11.29
C HIS C 6 -11.34 -2.72 -12.74
N SER C 7 -12.47 -2.13 -13.11
CA SER C 7 -12.86 -2.18 -14.53
C SER C 7 -13.13 -0.81 -15.10
N LEU C 8 -12.83 -0.67 -16.38
CA LEU C 8 -12.97 0.58 -17.10
C LEU C 8 -13.75 0.27 -18.36
N GLU C 9 -14.80 1.05 -18.64
CA GLU C 9 -15.57 0.95 -19.87
C GLU C 9 -15.42 2.25 -20.64
N ILE C 10 -15.15 2.13 -21.94
CA ILE C 10 -15.07 3.32 -22.79
C ILE C 10 -16.02 3.16 -23.98
N THR C 11 -16.91 4.14 -24.14
CA THR C 11 -17.86 4.14 -25.23
C THR C 11 -17.30 4.84 -26.44
N SER C 12 -17.66 4.36 -27.63
CA SER C 12 -17.24 4.98 -28.87
C SER C 12 -18.34 4.82 -29.91
N SER C 13 -18.42 5.76 -30.85
CA SER C 13 -19.32 5.65 -31.99
C SER C 13 -18.70 4.82 -33.13
N VAL C 14 -17.39 4.57 -33.05
CA VAL C 14 -16.71 3.75 -34.03
C VAL C 14 -17.03 2.27 -33.76
N SER C 15 -17.07 1.47 -34.82
CA SER C 15 -17.44 0.07 -34.71
C SER C 15 -16.40 -0.74 -33.94
N ALA C 16 -16.86 -1.86 -33.40
CA ALA C 16 -16.01 -2.78 -32.62
C ALA C 16 -14.81 -3.31 -33.41
N GLU C 17 -15.05 -3.77 -34.64
CA GLU C 17 -13.98 -4.27 -35.49
C GLU C 17 -12.89 -3.22 -35.69
N LYS C 18 -13.30 -1.98 -35.95
CA LYS C 18 -12.39 -0.90 -36.28
C LYS C 18 -11.59 -0.46 -35.05
N ILE C 19 -12.26 -0.37 -33.90
CA ILE C 19 -11.60 0.03 -32.66
C ILE C 19 -10.54 -1.00 -32.29
N PHE C 20 -10.92 -2.27 -32.37
CA PHE C 20 -10.00 -3.34 -32.07
C PHE C 20 -8.78 -3.30 -32.97
N SER C 21 -8.98 -2.98 -34.23
CA SER C 21 -7.83 -2.94 -35.14
C SER C 21 -6.89 -1.79 -34.77
N GLY C 22 -7.46 -0.71 -34.25
CA GLY C 22 -6.68 0.46 -33.89
C GLY C 22 -5.94 0.31 -32.59
N ILE C 23 -6.60 -0.23 -31.57
CA ILE C 23 -6.00 -0.29 -30.22
C ILE C 23 -5.30 -1.61 -29.94
N VAL C 24 -5.42 -2.59 -30.82
CA VAL C 24 -4.68 -3.86 -30.66
C VAL C 24 -3.87 -4.25 -31.88
N LEU C 25 -4.54 -4.56 -32.98
CA LEU C 25 -3.85 -5.18 -34.12
C LEU C 25 -2.80 -4.29 -34.77
N ASP C 26 -3.14 -3.02 -34.98
CA ASP C 26 -2.28 -2.08 -35.70
C ASP C 26 -1.67 -1.02 -34.77
N VAL C 27 -1.75 -1.25 -33.46
CA VAL C 27 -1.31 -0.27 -32.48
C VAL C 27 0.11 0.27 -32.72
N ASP C 28 1.04 -0.57 -33.14
CA ASP C 28 2.44 -0.13 -33.28
C ASP C 28 2.66 0.91 -34.41
N THR C 29 1.88 0.85 -35.48
CA THR C 29 1.99 1.88 -36.54
C THR C 29 0.96 3.01 -36.35
N VAL C 30 -0.11 2.74 -35.62
CA VAL C 30 -1.13 3.76 -35.37
C VAL C 30 -0.69 4.79 -34.32
N ILE C 31 -0.17 4.34 -33.18
CA ILE C 31 0.18 5.26 -32.10
C ILE C 31 1.16 6.39 -32.49
N PRO C 32 2.22 6.07 -33.26
CA PRO C 32 3.09 7.18 -33.70
C PRO C 32 2.41 8.23 -34.59
N LYS C 33 1.39 7.83 -35.34
CA LYS C 33 0.62 8.78 -36.16
C LYS C 33 -0.50 9.46 -35.33
N ALA C 34 -1.06 8.75 -34.36
CA ALA C 34 -2.24 9.22 -33.60
C ALA C 34 -1.89 10.03 -32.35
N ALA C 35 -0.87 9.60 -31.63
CA ALA C 35 -0.46 10.24 -30.38
C ALA C 35 1.02 10.53 -30.48
N THR C 36 1.37 11.53 -31.28
CA THR C 36 2.73 11.65 -31.78
C THR C 36 3.81 11.67 -30.69
N GLY C 37 3.56 12.37 -29.58
CA GLY C 37 4.55 12.50 -28.50
C GLY C 37 4.29 11.65 -27.26
N ALA C 38 3.19 10.91 -27.23
CA ALA C 38 2.84 10.12 -26.04
C ALA C 38 3.99 9.22 -25.56
N TYR C 39 4.62 8.48 -26.48
CA TYR C 39 5.73 7.59 -26.14
C TYR C 39 7.06 8.22 -26.48
N LYS C 40 8.06 8.00 -25.62
CA LYS C 40 9.45 8.35 -25.96
C LYS C 40 10.05 7.27 -26.86
N SER C 41 9.79 5.99 -26.53
CA SER C 41 10.27 4.87 -27.33
C SER C 41 9.49 3.59 -27.03
N VAL C 42 9.50 2.65 -27.97
CA VAL C 42 8.86 1.33 -27.80
C VAL C 42 9.78 0.25 -28.39
N GLU C 43 10.23 -0.70 -27.56
CA GLU C 43 10.92 -1.88 -28.08
C GLU C 43 9.90 -3.02 -28.12
N VAL C 44 9.67 -3.58 -29.30
CA VAL C 44 8.72 -4.67 -29.50
C VAL C 44 9.48 -5.95 -29.78
N LYS C 45 9.29 -6.97 -28.93
CA LYS C 45 9.88 -8.30 -29.14
C LYS C 45 8.78 -9.33 -29.42
N GLY C 46 8.61 -9.66 -30.70
CA GLY C 46 7.51 -10.54 -31.14
C GLY C 46 6.58 -9.92 -32.17
N ASP C 47 5.61 -10.71 -32.62
CA ASP C 47 4.75 -10.35 -33.76
C ASP C 47 3.43 -9.73 -33.40
N GLY C 48 3.15 -9.55 -32.12
CA GLY C 48 1.87 -8.99 -31.67
C GLY C 48 0.91 -10.01 -31.10
N GLY C 49 1.18 -11.29 -31.33
CA GLY C 49 0.40 -12.37 -30.70
C GLY C 49 0.95 -12.75 -29.34
N ALA C 50 0.43 -13.82 -28.77
CA ALA C 50 0.82 -14.28 -27.43
C ALA C 50 2.33 -14.38 -27.33
N GLY C 51 2.89 -13.94 -26.19
CA GLY C 51 4.33 -14.01 -25.97
C GLY C 51 5.08 -12.74 -26.33
N THR C 52 4.42 -11.85 -27.05
CA THR C 52 4.98 -10.56 -27.43
C THR C 52 5.20 -9.74 -26.18
N VAL C 53 6.32 -9.06 -26.12
CA VAL C 53 6.68 -8.24 -24.96
C VAL C 53 7.08 -6.87 -25.45
N ARG C 54 6.47 -5.82 -24.90
CA ARG C 54 6.78 -4.45 -25.27
C ARG C 54 7.44 -3.71 -24.10
N ILE C 55 8.59 -3.12 -24.34
CA ILE C 55 9.23 -2.26 -23.36
C ILE C 55 8.95 -0.80 -23.73
N ILE C 56 8.10 -0.14 -22.95
CA ILE C 56 7.65 1.22 -23.25
C ILE C 56 8.29 2.27 -22.29
N THR C 57 8.70 3.40 -22.87
CA THR C 57 9.31 4.49 -22.12
C THR C 57 8.59 5.79 -22.43
N LEU C 58 8.13 6.47 -21.39
CA LEU C 58 7.48 7.77 -21.54
C LEU C 58 8.50 8.88 -21.29
N PRO C 59 8.16 10.14 -21.64
CA PRO C 59 9.10 11.27 -21.47
C PRO C 59 9.62 11.49 -20.05
N GLU C 60 10.75 12.20 -19.96
CA GLU C 60 11.54 12.32 -18.72
C GLU C 60 10.74 12.67 -17.45
N GLY C 61 9.92 13.72 -17.52
CA GLY C 61 9.16 14.18 -16.34
C GLY C 61 7.97 13.33 -15.88
N SER C 62 7.45 12.48 -16.76
CA SER C 62 6.14 11.86 -16.55
C SER C 62 6.01 11.13 -15.18
N PRO C 63 4.77 11.06 -14.64
CA PRO C 63 4.55 10.36 -13.38
C PRO C 63 4.92 8.87 -13.46
N ILE C 64 4.60 8.23 -14.59
CA ILE C 64 5.09 6.90 -14.93
C ILE C 64 6.10 7.03 -16.09
N THR C 65 7.34 6.61 -15.89
CA THR C 65 8.37 6.72 -16.92
C THR C 65 8.62 5.42 -17.74
N THR C 66 8.36 4.25 -17.15
CA THR C 66 8.65 2.96 -17.82
C THR C 66 7.62 1.90 -17.47
N MET C 67 7.22 1.13 -18.49
CA MET C 67 6.41 -0.07 -18.29
C MET C 67 6.74 -1.15 -19.32
N THR C 68 6.74 -2.41 -18.86
CA THR C 68 6.97 -3.58 -19.71
C THR C 68 5.70 -4.40 -19.73
N VAL C 69 5.15 -4.64 -20.93
CA VAL C 69 3.84 -5.27 -21.05
C VAL C 69 3.94 -6.53 -21.92
N ARG C 70 3.45 -7.65 -21.39
CA ARG C 70 3.42 -8.92 -22.09
C ARG C 70 2.04 -9.19 -22.63
N THR C 71 1.94 -9.61 -23.90
CA THR C 71 0.67 -10.08 -24.44
C THR C 71 0.45 -11.54 -24.07
N ASP C 72 -0.65 -11.82 -23.39
CA ASP C 72 -0.98 -13.18 -22.97
C ASP C 72 -1.82 -13.92 -23.99
N ALA C 73 -2.69 -13.19 -24.68
CA ALA C 73 -3.66 -13.79 -25.60
C ALA C 73 -4.30 -12.74 -26.51
N VAL C 74 -4.51 -13.12 -27.78
CA VAL C 74 -5.25 -12.29 -28.73
C VAL C 74 -6.29 -13.17 -29.37
N ASN C 75 -7.51 -12.64 -29.52
CA ASN C 75 -8.53 -13.32 -30.31
C ASN C 75 -9.15 -12.34 -31.30
N LYS C 76 -8.68 -12.41 -32.54
CA LYS C 76 -9.05 -11.46 -33.59
C LYS C 76 -10.55 -11.52 -33.92
N GLU C 77 -11.15 -12.69 -33.78
CA GLU C 77 -12.55 -12.82 -34.14
C GLU C 77 -13.48 -12.42 -33.03
N ALA C 78 -13.07 -12.67 -31.80
CA ALA C 78 -13.89 -12.27 -30.66
C ALA C 78 -13.59 -10.83 -30.18
N LEU C 79 -12.59 -10.18 -30.78
CA LEU C 79 -12.15 -8.85 -30.38
C LEU C 79 -11.79 -8.78 -28.90
N SER C 80 -11.04 -9.78 -28.42
CA SER C 80 -10.52 -9.75 -27.05
C SER C 80 -9.00 -9.74 -27.02
N TYR C 81 -8.45 -9.18 -25.96
CA TYR C 81 -7.00 -9.00 -25.79
C TYR C 81 -6.68 -9.10 -24.30
N ASP C 82 -5.73 -9.97 -23.96
CA ASP C 82 -5.28 -10.14 -22.60
C ASP C 82 -3.81 -9.81 -22.53
N SER C 83 -3.41 -9.02 -21.54
CA SER C 83 -2.01 -8.63 -21.37
C SER C 83 -1.70 -8.32 -19.93
N THR C 84 -0.42 -8.44 -19.57
CA THR C 84 0.04 -8.24 -18.20
C THR C 84 1.17 -7.23 -18.14
N VAL C 85 1.08 -6.31 -17.19
CA VAL C 85 2.21 -5.41 -16.93
C VAL C 85 3.15 -6.12 -15.94
N ILE C 86 4.39 -6.32 -16.33
CA ILE C 86 5.30 -7.16 -15.53
C ILE C 86 6.53 -6.44 -14.96
N ASP C 87 6.79 -5.21 -15.40
CA ASP C 87 7.96 -4.47 -14.92
C ASP C 87 7.73 -2.99 -15.16
N GLY C 88 8.52 -2.17 -14.47
CA GLY C 88 8.49 -0.71 -14.67
C GLY C 88 8.09 0.05 -13.42
N ASP C 89 8.33 1.35 -13.40
CA ASP C 89 7.99 2.15 -12.21
C ASP C 89 6.45 2.31 -12.05
N ILE C 90 5.71 1.89 -13.08
CA ILE C 90 4.26 1.74 -13.00
C ILE C 90 3.83 0.78 -11.87
N LEU C 91 4.68 -0.17 -11.54
CA LEU C 91 4.40 -1.11 -10.45
C LEU C 91 4.63 -0.50 -9.05
N LEU C 92 5.01 0.77 -9.02
CA LEU C 92 5.36 1.43 -7.77
C LEU C 92 6.39 0.54 -7.04
N GLY C 93 6.36 0.47 -5.73
CA GLY C 93 7.35 -0.38 -5.06
C GLY C 93 6.95 -1.84 -4.89
N PHE C 94 5.68 -2.15 -5.14
CA PHE C 94 5.07 -3.31 -4.49
C PHE C 94 4.07 -4.13 -5.30
N ILE C 95 3.70 -3.68 -6.49
CA ILE C 95 2.79 -4.46 -7.35
C ILE C 95 3.64 -5.49 -8.08
N GLU C 96 3.29 -6.76 -7.92
CA GLU C 96 4.01 -7.83 -8.61
C GLU C 96 3.69 -7.80 -10.09
N SER C 97 2.40 -7.70 -10.43
CA SER C 97 1.95 -7.62 -11.81
C SER C 97 0.53 -7.07 -11.91
N ILE C 98 0.21 -6.44 -13.05
CA ILE C 98 -1.16 -5.98 -13.35
C ILE C 98 -1.72 -6.80 -14.52
N GLU C 99 -2.60 -7.74 -14.21
CA GLU C 99 -3.16 -8.66 -15.20
C GLU C 99 -4.36 -7.96 -15.79
N THR C 100 -4.44 -7.80 -17.11
CA THR C 100 -5.59 -7.12 -17.74
C THR C 100 -6.26 -7.96 -18.80
N HIS C 101 -7.58 -7.77 -18.94
CA HIS C 101 -8.40 -8.52 -19.88
C HIS C 101 -9.33 -7.53 -20.55
N MET C 102 -9.25 -7.45 -21.86
CA MET C 102 -10.05 -6.50 -22.60
C MET C 102 -10.95 -7.17 -23.65
N VAL C 103 -12.16 -6.66 -23.79
CA VAL C 103 -13.04 -7.12 -24.85
C VAL C 103 -13.69 -5.88 -25.47
N VAL C 104 -13.87 -5.86 -26.78
CA VAL C 104 -14.60 -4.77 -27.45
C VAL C 104 -15.94 -5.26 -27.96
N VAL C 105 -17.04 -4.77 -27.41
CA VAL C 105 -18.35 -5.33 -27.76
C VAL C 105 -19.16 -4.34 -28.59
N PRO C 106 -19.87 -4.84 -29.61
CA PRO C 106 -20.67 -3.93 -30.42
C PRO C 106 -21.93 -3.49 -29.74
N THR C 107 -22.45 -2.34 -30.21
CA THR C 107 -23.66 -1.73 -29.69
C THR C 107 -24.68 -1.64 -30.82
N ALA C 108 -25.97 -1.62 -30.45
CA ALA C 108 -27.07 -1.50 -31.40
C ALA C 108 -26.94 -0.33 -32.39
N ASP C 109 -26.33 0.77 -31.96
CA ASP C 109 -26.17 1.96 -32.82
C ASP C 109 -25.00 1.85 -33.81
N GLY C 110 -24.31 0.71 -33.85
CA GLY C 110 -23.18 0.53 -34.75
C GLY C 110 -21.85 0.95 -34.13
N GLY C 111 -21.89 1.44 -32.89
CA GLY C 111 -20.69 1.77 -32.15
C GLY C 111 -20.22 0.60 -31.29
N SER C 112 -19.51 0.92 -30.22
CA SER C 112 -18.91 -0.10 -29.39
C SER C 112 -18.67 0.35 -27.94
N ILE C 113 -18.48 -0.62 -27.05
CA ILE C 113 -18.00 -0.42 -25.68
C ILE C 113 -16.75 -1.28 -25.49
N THR C 114 -15.67 -0.65 -25.06
CA THR C 114 -14.43 -1.37 -24.83
C THR C 114 -14.28 -1.55 -23.33
N LYS C 115 -14.40 -2.80 -22.86
CA LYS C 115 -14.31 -3.04 -21.43
C LYS C 115 -12.95 -3.63 -21.12
N THR C 116 -12.40 -3.17 -20.02
CA THR C 116 -11.16 -3.70 -19.52
C THR C 116 -11.23 -3.97 -18.03
N THR C 117 -10.85 -5.18 -17.64
CA THR C 117 -10.73 -5.55 -16.24
C THR C 117 -9.25 -5.67 -15.92
N ALA C 118 -8.83 -5.00 -14.86
CA ALA C 118 -7.46 -5.06 -14.37
C ALA C 118 -7.44 -5.74 -13.01
N ILE C 119 -6.51 -6.66 -12.82
CA ILE C 119 -6.34 -7.38 -11.55
C ILE C 119 -4.94 -7.11 -11.03
N PHE C 120 -4.85 -6.52 -9.85
CA PHE C 120 -3.57 -6.13 -9.26
C PHE C 120 -3.08 -7.18 -8.28
N HIS C 121 -1.96 -7.81 -8.62
CA HIS C 121 -1.32 -8.79 -7.76
C HIS C 121 -0.26 -8.09 -6.93
N THR C 122 -0.45 -8.06 -5.62
CA THR C 122 0.46 -7.36 -4.72
C THR C 122 1.04 -8.29 -3.65
N LYS C 123 2.20 -7.91 -3.10
CA LYS C 123 2.81 -8.65 -2.00
C LYS C 123 2.01 -8.39 -0.72
N GLY C 124 1.60 -9.46 -0.06
CA GLY C 124 0.86 -9.37 1.20
C GLY C 124 -0.52 -8.76 1.03
N ASP C 125 -0.94 -7.93 1.98
CA ASP C 125 -2.25 -7.23 1.91
C ASP C 125 -2.17 -5.83 1.32
N ALA C 126 -1.10 -5.51 0.59
CA ALA C 126 -0.89 -4.17 0.08
C ALA C 126 -2.00 -3.81 -0.92
N VAL C 127 -2.55 -2.61 -0.77
CA VAL C 127 -3.64 -2.14 -1.62
C VAL C 127 -3.14 -1.03 -2.55
N VAL C 128 -3.54 -1.09 -3.81
CA VAL C 128 -3.23 -0.04 -4.78
C VAL C 128 -4.19 1.13 -4.57
N PRO C 129 -3.68 2.32 -4.27
CA PRO C 129 -4.57 3.43 -3.96
C PRO C 129 -5.47 3.86 -5.11
N GLU C 130 -6.63 4.39 -4.77
CA GLU C 130 -7.60 4.86 -5.76
C GLU C 130 -7.04 5.95 -6.71
N GLU C 131 -6.18 6.84 -6.20
CA GLU C 131 -5.60 7.88 -7.06
C GLU C 131 -4.80 7.27 -8.24
N ASN C 132 -4.04 6.21 -7.99
CA ASN C 132 -3.24 5.59 -9.04
C ASN C 132 -4.06 4.87 -10.09
N ILE C 133 -5.19 4.33 -9.67
CA ILE C 133 -6.11 3.68 -10.59
C ILE C 133 -6.81 4.73 -11.46
N LYS C 134 -7.29 5.81 -10.85
CA LYS C 134 -7.91 6.88 -11.62
C LYS C 134 -6.93 7.45 -12.67
N PHE C 135 -5.67 7.59 -12.28
CA PHE C 135 -4.65 8.11 -13.17
C PHE C 135 -4.55 7.23 -14.40
N ALA C 136 -4.41 5.94 -14.18
CA ALA C 136 -4.34 4.96 -15.27
C ALA C 136 -5.57 5.07 -16.19
N ASP C 137 -6.76 5.16 -15.61
CA ASP C 137 -7.99 5.30 -16.40
C ASP C 137 -8.01 6.55 -17.30
N ALA C 138 -7.56 7.68 -16.74
CA ALA C 138 -7.50 8.91 -17.48
C ALA C 138 -6.55 8.75 -18.68
N GLN C 139 -5.40 8.17 -18.41
CA GLN C 139 -4.34 8.13 -19.40
C GLN C 139 -4.66 7.11 -20.50
N ASN C 140 -5.27 6.01 -20.12
CA ASN C 140 -5.71 5.01 -21.09
C ASN C 140 -6.85 5.53 -21.95
N THR C 141 -7.74 6.31 -21.35
CA THR C 141 -8.85 6.90 -22.09
C THR C 141 -8.29 7.94 -23.06
N ALA C 142 -7.33 8.75 -22.59
CA ALA C 142 -6.67 9.76 -23.43
C ALA C 142 -6.11 9.12 -24.70
N LEU C 143 -5.40 8.02 -24.52
CA LEU C 143 -4.79 7.32 -25.64
C LEU C 143 -5.85 6.69 -26.53
N PHE C 144 -6.84 6.05 -25.92
CA PHE C 144 -7.97 5.48 -26.66
C PHE C 144 -8.58 6.50 -27.61
N LYS C 145 -8.87 7.68 -27.07
CA LYS C 145 -9.58 8.70 -27.82
C LYS C 145 -8.71 9.37 -28.90
N ALA C 146 -7.41 9.45 -28.66
CA ALA C 146 -6.49 9.92 -29.68
C ALA C 146 -6.54 8.96 -30.86
N ILE C 147 -6.58 7.66 -30.56
CA ILE C 147 -6.69 6.62 -31.58
C ILE C 147 -8.03 6.65 -32.30
N GLU C 148 -9.11 6.77 -31.54
CA GLU C 148 -10.45 6.95 -32.12
C GLU C 148 -10.47 8.10 -33.13
N ALA C 149 -9.81 9.21 -32.79
CA ALA C 149 -9.72 10.36 -33.69
C ALA C 149 -9.02 9.99 -35.00
N TYR C 150 -7.91 9.26 -34.89
CA TYR C 150 -7.17 8.84 -36.07
C TYR C 150 -8.03 7.91 -36.96
N LEU C 151 -8.77 6.99 -36.34
CA LEU C 151 -9.65 6.05 -37.06
C LEU C 151 -10.82 6.74 -37.79
N ILE C 152 -11.40 7.77 -37.17
CA ILE C 152 -12.49 8.52 -37.80
C ILE C 152 -12.00 9.27 -39.03
N ALA C 153 -10.75 9.68 -39.03
CA ALA C 153 -10.17 10.46 -40.14
C ALA C 153 -9.51 9.61 -41.23
N ASN C 154 -9.17 8.35 -40.92
CA ASN C 154 -8.49 7.43 -41.87
C ASN C 154 -9.19 6.06 -41.94
N ALA D 3 -29.47 27.50 -36.77
CA ALA D 3 -27.97 27.37 -36.81
C ALA D 3 -27.52 26.02 -36.22
N GLN D 4 -26.78 25.24 -37.03
CA GLN D 4 -26.38 23.90 -36.65
C GLN D 4 -25.62 23.91 -35.32
N SER D 5 -25.95 22.98 -34.43
CA SER D 5 -25.30 22.92 -33.13
C SER D 5 -25.03 21.50 -32.64
N HIS D 6 -24.16 21.38 -31.64
CA HIS D 6 -23.78 20.08 -31.11
C HIS D 6 -23.35 20.24 -29.67
N SER D 7 -23.59 19.22 -28.85
CA SER D 7 -23.04 19.26 -27.50
C SER D 7 -22.26 18.03 -27.13
N LEU D 8 -21.26 18.24 -26.28
CA LEU D 8 -20.38 17.21 -25.80
C LEU D 8 -20.34 17.32 -24.29
N GLU D 9 -20.61 16.21 -23.60
CA GLU D 9 -20.42 16.14 -22.16
C GLU D 9 -19.27 15.19 -21.85
N ILE D 10 -18.41 15.55 -20.91
CA ILE D 10 -17.34 14.67 -20.44
C ILE D 10 -17.37 14.55 -18.92
N THR D 11 -17.46 13.32 -18.43
CA THR D 11 -17.50 13.05 -17.01
C THR D 11 -16.11 12.88 -16.46
N SER D 12 -15.91 13.29 -15.22
CA SER D 12 -14.64 13.11 -14.54
C SER D 12 -14.86 12.88 -13.07
N SER D 13 -13.96 12.14 -12.45
CA SER D 13 -13.97 11.98 -11.00
C SER D 13 -13.27 13.12 -10.30
N VAL D 14 -12.57 13.98 -11.04
CA VAL D 14 -11.91 15.16 -10.47
C VAL D 14 -12.94 16.28 -10.27
N SER D 15 -12.73 17.11 -9.25
CA SER D 15 -13.69 18.16 -8.90
C SER D 15 -13.77 19.24 -9.98
N ALA D 16 -14.90 19.95 -9.98
CA ALA D 16 -15.19 21.00 -10.95
C ALA D 16 -14.14 22.10 -10.89
N GLU D 17 -13.85 22.58 -9.70
CA GLU D 17 -12.84 23.64 -9.53
C GLU D 17 -11.50 23.26 -10.16
N LYS D 18 -11.09 22.03 -9.94
CA LYS D 18 -9.78 21.55 -10.37
C LYS D 18 -9.73 21.31 -11.88
N ILE D 19 -10.79 20.76 -12.44
CA ILE D 19 -10.87 20.56 -13.88
C ILE D 19 -10.83 21.90 -14.61
N PHE D 20 -11.63 22.84 -14.14
CA PHE D 20 -11.66 24.17 -14.73
C PHE D 20 -10.29 24.83 -14.69
N SER D 21 -9.54 24.62 -13.62
CA SER D 21 -8.24 25.27 -13.52
C SER D 21 -7.29 24.67 -14.55
N GLY D 22 -7.47 23.37 -14.82
CA GLY D 22 -6.59 22.65 -15.72
C GLY D 22 -6.89 22.93 -17.18
N ILE D 23 -8.16 22.95 -17.54
CA ILE D 23 -8.55 23.07 -18.95
C ILE D 23 -8.87 24.51 -19.38
N VAL D 24 -8.90 25.45 -18.43
CA VAL D 24 -9.05 26.87 -18.77
C VAL D 24 -7.97 27.76 -18.17
N LEU D 25 -7.95 27.91 -16.85
CA LEU D 25 -7.10 28.93 -16.22
C LEU D 25 -5.60 28.72 -16.45
N ASP D 26 -5.14 27.49 -16.27
CA ASP D 26 -3.70 27.17 -16.31
C ASP D 26 -3.34 26.38 -17.57
N VAL D 27 -4.25 26.35 -18.54
CA VAL D 27 -4.06 25.54 -19.74
C VAL D 27 -2.70 25.75 -20.42
N ASP D 28 -2.20 26.99 -20.48
CA ASP D 28 -0.95 27.27 -21.21
C ASP D 28 0.29 26.63 -20.61
N THR D 29 0.34 26.49 -19.28
CA THR D 29 1.47 25.80 -18.65
C THR D 29 1.18 24.31 -18.42
N VAL D 30 -0.09 23.94 -18.34
CA VAL D 30 -0.47 22.55 -18.13
C VAL D 30 -0.31 21.68 -19.39
N ILE D 31 -0.77 22.16 -20.54
CA ILE D 31 -0.71 21.34 -21.77
C ILE D 31 0.70 20.85 -22.15
N PRO D 32 1.71 21.72 -22.10
CA PRO D 32 3.06 21.23 -22.42
C PRO D 32 3.57 20.13 -21.48
N LYS D 33 3.14 20.13 -20.23
CA LYS D 33 3.51 19.08 -19.28
C LYS D 33 2.61 17.84 -19.44
N ALA D 34 1.33 18.05 -19.77
CA ALA D 34 0.33 16.97 -19.81
C ALA D 34 0.26 16.24 -21.16
N ALA D 35 0.30 16.99 -22.26
CA ALA D 35 0.16 16.44 -23.62
C ALA D 35 1.37 16.88 -24.40
N THR D 36 2.50 16.27 -24.11
CA THR D 36 3.77 16.87 -24.49
C THR D 36 3.91 17.21 -25.99
N GLY D 37 3.44 16.30 -26.86
CA GLY D 37 3.55 16.50 -28.31
C GLY D 37 2.28 16.96 -29.03
N ALA D 38 1.17 17.09 -28.31
CA ALA D 38 -0.10 17.46 -28.94
C ALA D 38 0.02 18.71 -29.83
N TYR D 39 0.63 19.77 -29.33
CA TYR D 39 0.78 21.01 -30.09
C TYR D 39 2.17 21.12 -30.69
N LYS D 40 2.28 21.65 -31.89
CA LYS D 40 3.57 22.02 -32.45
C LYS D 40 4.01 23.37 -31.89
N SER D 41 3.08 24.32 -31.81
CA SER D 41 3.35 25.65 -31.25
C SER D 41 2.06 26.36 -30.86
N VAL D 42 2.17 27.34 -29.96
CA VAL D 42 1.05 28.18 -29.53
C VAL D 42 1.50 29.62 -29.38
N GLU D 43 0.91 30.52 -30.14
CA GLU D 43 1.11 31.98 -29.95
C GLU D 43 -0.08 32.46 -29.12
N VAL D 44 0.19 33.03 -27.94
CA VAL D 44 -0.86 33.57 -27.08
C VAL D 44 -0.79 35.10 -27.07
N LYS D 45 -1.87 35.76 -27.51
CA LYS D 45 -1.94 37.22 -27.47
C LYS D 45 -3.00 37.65 -26.46
N GLY D 46 -2.56 38.00 -25.25
CA GLY D 46 -3.47 38.35 -24.16
C GLY D 46 -3.26 37.53 -22.89
N ASP D 47 -4.02 37.86 -21.85
CA ASP D 47 -3.79 37.34 -20.49
C ASP D 47 -4.65 36.14 -20.14
N GLY D 48 -5.47 35.67 -21.07
CA GLY D 48 -6.35 34.53 -20.84
C GLY D 48 -7.81 34.92 -20.67
N GLY D 49 -8.07 36.19 -20.38
CA GLY D 49 -9.43 36.67 -20.26
C GLY D 49 -9.99 37.08 -21.62
N ALA D 50 -11.17 37.69 -21.61
CA ALA D 50 -11.86 38.06 -22.85
C ALA D 50 -10.95 38.85 -23.79
N GLY D 51 -11.03 38.54 -25.07
CA GLY D 51 -10.19 39.21 -26.08
C GLY D 51 -8.90 38.46 -26.43
N THR D 52 -8.50 37.53 -25.56
CA THR D 52 -7.30 36.73 -25.76
C THR D 52 -7.48 35.92 -27.02
N VAL D 53 -6.41 35.83 -27.80
CA VAL D 53 -6.45 35.12 -29.07
C VAL D 53 -5.28 34.15 -29.08
N ARG D 54 -5.54 32.88 -29.34
CA ARG D 54 -4.48 31.88 -29.45
C ARG D 54 -4.36 31.32 -30.86
N ILE D 55 -3.16 31.37 -31.41
CA ILE D 55 -2.88 30.79 -32.73
C ILE D 55 -2.18 29.44 -32.49
N ILE D 56 -2.91 28.37 -32.75
CA ILE D 56 -2.43 27.01 -32.49
C ILE D 56 -2.07 26.26 -33.77
N THR D 57 -0.93 25.57 -33.73
CA THR D 57 -0.43 24.78 -34.85
C THR D 57 -0.18 23.35 -34.39
N LEU D 58 -0.77 22.39 -35.09
CA LEU D 58 -0.54 20.97 -34.82
C LEU D 58 0.54 20.44 -35.78
N PRO D 59 1.09 19.23 -35.51
CA PRO D 59 2.16 18.64 -36.35
C PRO D 59 1.81 18.45 -37.84
N GLU D 60 2.85 18.33 -38.66
CA GLU D 60 2.74 18.43 -40.13
C GLU D 60 1.63 17.58 -40.76
N GLY D 61 1.58 16.29 -40.40
CA GLY D 61 0.63 15.35 -41.01
C GLY D 61 -0.83 15.44 -40.58
N SER D 62 -1.09 16.08 -39.44
CA SER D 62 -2.41 16.01 -38.79
C SER D 62 -3.60 16.39 -39.70
N PRO D 63 -4.79 15.80 -39.45
CA PRO D 63 -5.98 16.15 -40.24
C PRO D 63 -6.35 17.62 -40.14
N ILE D 64 -6.22 18.20 -38.94
CA ILE D 64 -6.30 19.65 -38.73
C ILE D 64 -4.92 20.15 -38.37
N THR D 65 -4.37 21.09 -39.16
CA THR D 65 -3.01 21.61 -38.91
C THR D 65 -2.96 22.98 -38.20
N THR D 66 -4.01 23.80 -38.37
CA THR D 66 -4.04 25.14 -37.77
C THR D 66 -5.42 25.52 -37.27
N MET D 67 -5.48 26.17 -36.10
CA MET D 67 -6.70 26.83 -35.62
C MET D 67 -6.39 28.06 -34.79
N THR D 68 -7.21 29.10 -34.96
CA THR D 68 -7.11 30.35 -34.21
C THR D 68 -8.36 30.46 -33.34
N VAL D 69 -8.18 30.60 -32.04
CA VAL D 69 -9.30 30.61 -31.08
C VAL D 69 -9.33 31.88 -30.26
N ARG D 70 -10.47 32.58 -30.25
CA ARG D 70 -10.64 33.80 -29.45
C ARG D 70 -11.45 33.54 -28.20
N THR D 71 -10.97 34.04 -27.06
CA THR D 71 -11.72 33.92 -25.81
C THR D 71 -12.76 35.04 -25.77
N ASP D 72 -14.02 34.69 -25.63
CA ASP D 72 -15.11 35.65 -25.56
C ASP D 72 -15.47 36.03 -24.13
N ALA D 73 -15.34 35.09 -23.20
CA ALA D 73 -15.72 35.32 -21.81
C ALA D 73 -15.14 34.24 -20.89
N VAL D 74 -14.71 34.64 -19.71
CA VAL D 74 -14.31 33.71 -18.66
C VAL D 74 -15.03 34.09 -17.39
N ASN D 75 -15.57 33.10 -16.70
CA ASN D 75 -16.14 33.32 -15.38
C ASN D 75 -15.55 32.32 -14.39
N LYS D 76 -14.57 32.78 -13.62
CA LYS D 76 -13.81 31.94 -12.71
C LYS D 76 -14.62 31.33 -11.59
N GLU D 77 -15.55 32.07 -11.05
CA GLU D 77 -16.32 31.57 -9.94
C GLU D 77 -17.43 30.60 -10.44
N ALA D 78 -18.02 30.86 -11.63
CA ALA D 78 -19.08 30.00 -12.19
C ALA D 78 -18.54 28.78 -12.94
N LEU D 79 -17.23 28.79 -13.18
CA LEU D 79 -16.58 27.76 -13.98
C LEU D 79 -17.15 27.64 -15.39
N SER D 80 -17.35 28.77 -16.06
CA SER D 80 -17.77 28.78 -17.46
C SER D 80 -16.75 29.47 -18.32
N TYR D 81 -16.68 29.06 -19.58
CA TYR D 81 -15.73 29.59 -20.56
C TYR D 81 -16.41 29.61 -21.94
N ASP D 82 -16.36 30.75 -22.60
CA ASP D 82 -16.89 30.93 -23.95
C ASP D 82 -15.77 31.33 -24.90
N SER D 83 -15.69 30.65 -26.03
CA SER D 83 -14.64 30.93 -27.01
C SER D 83 -15.11 30.61 -28.41
N THR D 84 -14.47 31.23 -29.41
CA THR D 84 -14.86 31.07 -30.80
C THR D 84 -13.66 30.72 -31.67
N VAL D 85 -13.80 29.71 -32.52
CA VAL D 85 -12.77 29.39 -33.51
C VAL D 85 -13.02 30.29 -34.72
N ILE D 86 -12.03 31.11 -35.08
CA ILE D 86 -12.25 32.16 -36.09
C ILE D 86 -11.40 32.04 -37.35
N ASP D 87 -10.41 31.14 -37.34
CA ASP D 87 -9.54 30.95 -38.50
C ASP D 87 -8.89 29.58 -38.42
N GLY D 88 -8.32 29.13 -39.53
CA GLY D 88 -7.57 27.87 -39.61
C GLY D 88 -8.22 26.84 -40.53
N ASP D 89 -7.47 25.80 -40.91
CA ASP D 89 -8.03 24.75 -41.79
C ASP D 89 -9.09 23.88 -41.09
N ILE D 90 -9.21 24.05 -39.77
CA ILE D 90 -10.31 23.50 -38.99
C ILE D 90 -11.68 23.97 -39.51
N LEU D 91 -11.72 25.16 -40.11
CA LEU D 91 -12.96 25.68 -40.68
C LEU D 91 -13.31 25.06 -42.04
N LEU D 92 -12.47 24.12 -42.50
CA LEU D 92 -12.65 23.52 -43.81
C LEU D 92 -12.76 24.67 -44.83
N GLY D 93 -13.57 24.52 -45.86
CA GLY D 93 -13.67 25.61 -46.84
C GLY D 93 -14.69 26.67 -46.50
N PHE D 94 -15.57 26.40 -45.54
CA PHE D 94 -16.88 27.06 -45.52
C PHE D 94 -17.47 27.43 -44.18
N ILE D 95 -16.85 27.03 -43.08
CA ILE D 95 -17.35 27.41 -41.75
C ILE D 95 -16.84 28.82 -41.44
N GLU D 96 -17.75 29.76 -41.20
CA GLU D 96 -17.35 31.13 -40.87
C GLU D 96 -16.72 31.18 -39.48
N SER D 97 -17.38 30.54 -38.50
CA SER D 97 -16.85 30.47 -37.15
C SER D 97 -17.53 29.36 -36.34
N ILE D 98 -16.81 28.83 -35.36
CA ILE D 98 -17.37 27.84 -34.42
C ILE D 98 -17.47 28.46 -33.01
N GLU D 99 -18.69 28.82 -32.62
CA GLU D 99 -18.95 29.50 -31.36
C GLU D 99 -19.14 28.44 -30.29
N THR D 100 -18.38 28.47 -29.22
CA THR D 100 -18.50 27.43 -28.18
C THR D 100 -18.79 28.01 -26.79
N HIS D 101 -19.52 27.26 -25.98
CA HIS D 101 -19.87 27.69 -24.63
C HIS D 101 -19.68 26.50 -23.70
N MET D 102 -18.84 26.65 -22.70
CA MET D 102 -18.53 25.53 -21.83
C MET D 102 -18.86 25.86 -20.39
N VAL D 103 -19.39 24.88 -19.66
CA VAL D 103 -19.58 25.04 -18.23
C VAL D 103 -19.18 23.75 -17.53
N VAL D 104 -18.51 23.84 -16.39
CA VAL D 104 -18.11 22.65 -15.62
C VAL D 104 -19.01 22.58 -14.39
N VAL D 105 -19.80 21.53 -14.26
CA VAL D 105 -20.74 21.46 -13.14
C VAL D 105 -20.36 20.34 -12.19
N PRO D 106 -20.49 20.57 -10.87
CA PRO D 106 -20.17 19.52 -9.91
C PRO D 106 -21.22 18.42 -9.82
N THR D 107 -20.79 17.26 -9.34
CA THR D 107 -21.64 16.10 -9.19
C THR D 107 -21.65 15.66 -7.72
N ALA D 108 -22.75 15.04 -7.30
CA ALA D 108 -22.93 14.56 -5.92
C ALA D 108 -21.75 13.75 -5.37
N ASP D 109 -21.06 12.99 -6.24
CA ASP D 109 -19.91 12.17 -5.83
C ASP D 109 -18.59 12.95 -5.64
N GLY D 110 -18.60 14.27 -5.84
CA GLY D 110 -17.39 15.08 -5.71
C GLY D 110 -16.62 15.20 -7.01
N GLY D 111 -17.16 14.63 -8.08
CA GLY D 111 -16.58 14.77 -9.43
C GLY D 111 -17.28 15.88 -10.19
N SER D 112 -17.23 15.81 -11.52
CA SER D 112 -17.77 16.84 -12.37
C SER D 112 -18.20 16.36 -13.75
N ILE D 113 -19.06 17.15 -14.41
CA ILE D 113 -19.39 17.00 -15.82
C ILE D 113 -19.03 18.31 -16.50
N THR D 114 -18.25 18.25 -17.56
CA THR D 114 -17.90 19.42 -18.36
C THR D 114 -18.79 19.42 -19.60
N LYS D 115 -19.71 20.39 -19.67
CA LYS D 115 -20.70 20.46 -20.76
C LYS D 115 -20.39 21.55 -21.78
N THR D 116 -20.11 21.17 -23.04
CA THR D 116 -19.80 22.13 -24.09
C THR D 116 -20.89 22.13 -25.17
N THR D 117 -21.28 23.32 -25.59
CA THR D 117 -22.17 23.50 -26.72
C THR D 117 -21.42 24.24 -27.83
N ALA D 118 -21.41 23.66 -29.02
CA ALA D 118 -20.77 24.25 -30.19
C ALA D 118 -21.87 24.67 -31.18
N ILE D 119 -21.74 25.88 -31.72
CA ILE D 119 -22.66 26.37 -32.74
C ILE D 119 -21.85 26.74 -33.99
N PHE D 120 -22.15 26.07 -35.10
CA PHE D 120 -21.42 26.23 -36.36
C PHE D 120 -22.09 27.25 -37.26
N HIS D 121 -21.41 28.37 -37.50
CA HIS D 121 -21.92 29.39 -38.41
C HIS D 121 -21.33 29.17 -39.80
N THR D 122 -22.19 28.86 -40.78
CA THR D 122 -21.74 28.52 -42.13
C THR D 122 -22.34 29.45 -43.18
N LYS D 123 -21.70 29.54 -44.34
CA LYS D 123 -22.23 30.29 -45.46
C LYS D 123 -23.38 29.52 -46.12
N GLY D 124 -24.54 30.17 -46.23
CA GLY D 124 -25.73 29.57 -46.84
C GLY D 124 -26.30 28.41 -46.03
N ASP D 125 -26.76 27.37 -46.72
CA ASP D 125 -27.30 26.18 -46.04
C ASP D 125 -26.27 25.07 -45.78
N ALA D 126 -24.98 25.40 -45.82
CA ALA D 126 -23.92 24.37 -45.77
C ALA D 126 -23.91 23.70 -44.41
N VAL D 127 -23.91 22.36 -44.43
CA VAL D 127 -23.96 21.56 -43.22
C VAL D 127 -22.59 20.95 -42.91
N VAL D 128 -22.17 21.01 -41.65
CA VAL D 128 -20.93 20.40 -41.19
C VAL D 128 -21.17 18.91 -40.98
N PRO D 129 -20.44 18.04 -41.69
CA PRO D 129 -20.73 16.61 -41.64
C PRO D 129 -20.48 15.98 -40.27
N GLU D 130 -21.24 14.93 -39.99
CA GLU D 130 -21.15 14.23 -38.71
C GLU D 130 -19.73 13.69 -38.41
N GLU D 131 -19.02 13.23 -39.44
CA GLU D 131 -17.64 12.70 -39.25
C GLU D 131 -16.68 13.78 -38.68
N ASN D 132 -16.84 15.02 -39.09
CA ASN D 132 -15.96 16.08 -38.60
C ASN D 132 -16.25 16.47 -37.16
N ILE D 133 -17.52 16.38 -36.78
CA ILE D 133 -17.93 16.67 -35.42
C ILE D 133 -17.45 15.55 -34.48
N LYS D 134 -17.61 14.30 -34.90
CA LYS D 134 -17.11 13.18 -34.12
C LYS D 134 -15.60 13.24 -33.91
N PHE D 135 -14.87 13.66 -34.94
CA PHE D 135 -13.42 13.82 -34.86
C PHE D 135 -13.07 14.83 -33.79
N ALA D 136 -13.71 15.98 -33.84
CA ALA D 136 -13.47 17.03 -32.87
C ALA D 136 -13.73 16.53 -31.44
N ASP D 137 -14.82 15.79 -31.24
CA ASP D 137 -15.18 15.25 -29.93
C ASP D 137 -14.12 14.31 -29.41
N ALA D 138 -13.60 13.45 -30.29
CA ALA D 138 -12.59 12.47 -29.91
C ALA D 138 -11.33 13.21 -29.46
N GLN D 139 -10.94 14.20 -30.23
CA GLN D 139 -9.67 14.89 -30.00
C GLN D 139 -9.74 15.79 -28.75
N ASN D 140 -10.90 16.41 -28.54
CA ASN D 140 -11.12 17.24 -27.35
C ASN D 140 -11.18 16.40 -26.09
N THR D 141 -11.77 15.21 -26.20
CA THR D 141 -11.84 14.29 -25.07
C THR D 141 -10.44 13.75 -24.76
N ALA D 142 -9.67 13.43 -25.80
CA ALA D 142 -8.28 12.99 -25.65
C ALA D 142 -7.47 14.01 -24.85
N LEU D 143 -7.59 15.27 -25.22
CA LEU D 143 -6.84 16.32 -24.55
C LEU D 143 -7.35 16.51 -23.13
N PHE D 144 -8.67 16.53 -22.97
CA PHE D 144 -9.28 16.63 -21.63
C PHE D 144 -8.70 15.59 -20.68
N LYS D 145 -8.67 14.34 -21.14
CA LYS D 145 -8.27 13.23 -20.31
C LYS D 145 -6.77 13.22 -20.03
N ALA D 146 -5.99 13.70 -20.97
CA ALA D 146 -4.55 13.87 -20.73
C ALA D 146 -4.33 14.85 -19.58
N ILE D 147 -5.09 15.95 -19.59
CA ILE D 147 -5.07 16.95 -18.54
C ILE D 147 -5.60 16.38 -17.19
N GLU D 148 -6.70 15.65 -17.24
CA GLU D 148 -7.22 14.97 -16.05
C GLU D 148 -6.12 14.13 -15.41
N ALA D 149 -5.37 13.41 -16.23
CA ALA D 149 -4.28 12.57 -15.72
C ALA D 149 -3.27 13.43 -14.98
N TYR D 150 -2.87 14.54 -15.58
CA TYR D 150 -1.89 15.42 -14.97
C TYR D 150 -2.40 15.97 -13.62
N LEU D 151 -3.68 16.35 -13.57
CA LEU D 151 -4.31 16.86 -12.36
C LEU D 151 -4.38 15.83 -11.22
N ILE D 152 -4.64 14.57 -11.54
CA ILE D 152 -4.71 13.51 -10.54
C ILE D 152 -3.34 13.27 -9.92
N ALA D 153 -2.29 13.48 -10.71
CA ALA D 153 -0.91 13.24 -10.26
C ALA D 153 -0.24 14.46 -9.61
N ASN D 154 -0.75 15.66 -9.84
CA ASN D 154 -0.15 16.90 -9.32
C ASN D 154 -1.18 17.78 -8.62
#